data_9KSW
#
_entry.id   9KSW
#
_cell.length_a   80.342
_cell.length_b   120.505
_cell.length_c   47.794
_cell.angle_alpha   90.00
_cell.angle_beta   90.00
_cell.angle_gamma   90.00
#
_symmetry.space_group_name_H-M   'P 21 21 2'
#
loop_
_entity.id
_entity.type
_entity.pdbx_description
1 polymer 'UDP-glycosyltransferase 79B30-like'
2 non-polymer "URIDINE-5'-MONOPHOSPHATE"
3 non-polymer RUTIN
4 water water
#
_entity_poly.entity_id   1
_entity_poly.type   'polypeptide(L)'
_entity_poly.pdbx_seq_one_letter_code
;MDSPSSLHIAMFPWFAMGHLIPYLHLSNKLAKRGHKISFFTPKKTQTKLEQFNLYPNLITFYPLNVPHVDGLPFGAETTS
DVAISLGPILMTAMDQTQNQIELLLTQLKPQIIFFDFVFWLPKITQRLGIKSFLYFIINPATISYTTSPPRMFEAENLTE
VDLMKPPKGYPTSFNLQSHEAKHLASTRKIEFGSGIPFSVRSYNCLSLTDAIGFKGCREIEGPYVDYLQEQFGKPVLLSG
PVLPEQSKTALDEKWGSWLGGFKDGSLVYCALGSELKLKQDQFHELLLGLELTGFPFLAILKPPVGFETIEDALPEGFKE
RVKEKGIVHSGWIQQQLILEHPSVGCFVTHCGAGSITEGLVNNCQMVLLPQLNGDYIINARIMGRHLKVGVEVKKGEEDG
LFTKESVYEAVKIVMDDENEIGREVRSNHTKVRNLLLRHDLESSCLDTFCEKLQELVS
;
_entity_poly.pdbx_strand_id   A
#
# COMPACT_ATOMS: atom_id res chain seq x y z
N SER A 5 -8.07 8.75 29.66
CA SER A 5 -6.72 8.30 30.01
C SER A 5 -5.99 7.80 28.76
N SER A 6 -4.66 7.95 28.75
CA SER A 6 -3.90 7.57 27.57
C SER A 6 -3.67 6.07 27.55
N LEU A 7 -3.72 5.48 26.35
CA LEU A 7 -3.55 4.05 26.17
C LEU A 7 -2.09 3.70 25.91
N HIS A 8 -1.77 2.43 26.12
CA HIS A 8 -0.49 1.87 25.72
C HIS A 8 -0.75 0.85 24.61
N ILE A 9 -0.28 1.15 23.41
CA ILE A 9 -0.57 0.35 22.23
C ILE A 9 0.73 -0.25 21.69
N ALA A 10 0.72 -1.54 21.42
CA ALA A 10 1.82 -2.18 20.72
C ALA A 10 1.46 -2.32 19.24
N MET A 11 2.48 -2.18 18.38
CA MET A 11 2.31 -2.23 16.93
C MET A 11 3.15 -3.38 16.38
N PHE A 12 2.52 -4.27 15.63
CA PHE A 12 3.16 -5.46 15.07
C PHE A 12 2.80 -5.56 13.58
N PRO A 13 3.33 -4.65 12.75
CA PRO A 13 3.04 -4.69 11.31
C PRO A 13 3.80 -5.78 10.53
N TRP A 14 3.24 -6.11 9.37
CA TRP A 14 3.91 -7.02 8.44
C TRP A 14 5.26 -6.46 8.02
N PHE A 15 6.19 -7.36 7.72
CA PHE A 15 7.59 -7.01 7.42
C PHE A 15 7.71 -6.43 6.01
N ALA A 16 7.19 -5.22 5.84
CA ALA A 16 7.21 -4.56 4.53
C ALA A 16 7.19 -3.07 4.74
N MET A 17 7.91 -2.34 3.88
CA MET A 17 7.93 -0.88 3.96
C MET A 17 6.53 -0.31 3.79
N GLY A 18 5.72 -0.92 2.94
CA GLY A 18 4.35 -0.46 2.74
C GLY A 18 3.47 -0.56 3.97
N HIS A 19 3.85 -1.34 4.97
CA HIS A 19 3.15 -1.40 6.24
C HIS A 19 3.86 -0.65 7.36
N LEU A 20 5.20 -0.73 7.41
CA LEU A 20 5.97 -0.03 8.44
C LEU A 20 5.75 1.48 8.39
N ILE A 21 5.76 2.07 7.20
CA ILE A 21 5.63 3.51 7.03
C ILE A 21 4.26 4.01 7.50
N PRO A 22 3.12 3.50 7.01
CA PRO A 22 1.84 4.00 7.54
C PRO A 22 1.60 3.70 9.00
N TYR A 23 2.01 2.51 9.51
CA TYR A 23 1.90 2.24 10.95
C TYR A 23 2.65 3.30 11.77
N LEU A 24 3.77 3.79 11.24
CA LEU A 24 4.55 4.84 11.87
C LEU A 24 3.91 6.22 11.73
N HIS A 25 3.35 6.55 10.55
CA HIS A 25 2.56 7.78 10.44
C HIS A 25 1.48 7.82 11.52
N LEU A 26 0.78 6.69 11.70
CA LEU A 26 -0.34 6.65 12.65
C LEU A 26 0.15 6.72 14.11
N SER A 27 1.26 6.04 14.42
CA SER A 27 1.86 6.12 15.75
C SER A 27 2.17 7.56 16.15
N ASN A 28 2.72 8.35 15.22
CA ASN A 28 2.98 9.76 15.49
C ASN A 28 1.68 10.50 15.81
N LYS A 29 0.60 10.19 15.08
CA LYS A 29 -0.70 10.82 15.36
C LYS A 29 -1.23 10.42 16.73
N LEU A 30 -1.01 9.17 17.14
CA LEU A 30 -1.50 8.70 18.42
C LEU A 30 -0.66 9.27 19.58
N ALA A 31 0.66 9.34 19.39
CA ALA A 31 1.54 9.87 20.41
C ALA A 31 1.34 11.37 20.61
N LYS A 32 1.00 12.10 19.55
CA LYS A 32 0.63 13.50 19.69
C LYS A 32 -0.52 13.67 20.67
N ARG A 33 -1.46 12.71 20.71
CA ARG A 33 -2.58 12.75 21.64
C ARG A 33 -2.25 12.13 23.01
N GLY A 34 -0.99 11.80 23.26
CA GLY A 34 -0.56 11.33 24.56
C GLY A 34 -0.47 9.82 24.72
N HIS A 35 -0.72 9.03 23.69
CA HIS A 35 -0.64 7.59 23.85
C HIS A 35 0.78 7.09 23.68
N LYS A 36 1.13 6.10 24.48
CA LYS A 36 2.43 5.45 24.43
C LYS A 36 2.38 4.29 23.44
N ILE A 37 3.42 4.18 22.59
CA ILE A 37 3.46 3.25 21.48
C ILE A 37 4.72 2.38 21.61
N SER A 38 4.53 1.07 21.68
CA SER A 38 5.61 0.09 21.64
C SER A 38 5.65 -0.51 20.23
N PHE A 39 6.66 -0.13 19.43
CA PHE A 39 6.69 -0.43 17.99
C PHE A 39 7.65 -1.59 17.70
N PHE A 40 7.11 -2.78 17.38
CA PHE A 40 7.93 -3.96 17.09
C PHE A 40 8.37 -3.93 15.62
N THR A 41 9.68 -3.96 15.39
CA THR A 41 10.25 -3.89 14.05
C THR A 41 11.42 -4.85 13.91
N PRO A 42 11.66 -5.34 12.69
CA PRO A 42 12.89 -6.11 12.46
C PRO A 42 14.13 -5.30 12.79
N LYS A 43 15.16 -6.01 13.29
CA LYS A 43 16.29 -5.40 13.96
C LYS A 43 17.02 -4.41 13.05
N LYS A 44 17.48 -4.88 11.89
CA LYS A 44 18.28 -3.99 11.03
C LYS A 44 17.43 -2.88 10.42
N THR A 45 16.14 -3.15 10.19
CA THR A 45 15.25 -2.15 9.60
C THR A 45 15.07 -0.92 10.49
N GLN A 46 15.25 -1.05 11.80
CA GLN A 46 15.01 0.07 12.69
C GLN A 46 15.79 1.32 12.26
N THR A 47 17.03 1.14 11.76
CA THR A 47 17.83 2.28 11.31
C THR A 47 17.09 3.12 10.30
N LYS A 48 16.40 2.47 9.36
CA LYS A 48 15.66 3.18 8.33
C LYS A 48 14.40 3.83 8.88
N LEU A 49 13.95 3.46 10.07
CA LEU A 49 12.69 3.98 10.60
C LEU A 49 12.87 5.19 11.52
N GLU A 50 14.09 5.46 12.01
CA GLU A 50 14.28 6.50 13.03
C GLU A 50 13.85 7.87 12.52
N GLN A 51 14.09 8.16 11.24
CA GLN A 51 13.78 9.46 10.66
C GLN A 51 12.28 9.80 10.75
N PHE A 52 11.43 8.80 10.95
CA PHE A 52 9.99 9.01 11.00
C PHE A 52 9.44 9.08 12.42
N ASN A 53 10.24 8.77 13.44
CA ASN A 53 9.80 8.85 14.83
C ASN A 53 9.85 10.31 15.26
N LEU A 54 8.69 10.93 15.38
CA LEU A 54 8.61 12.33 15.79
C LEU A 54 8.33 12.49 17.27
N TYR A 55 8.18 11.40 18.03
CA TYR A 55 7.90 11.45 19.47
C TYR A 55 8.67 10.35 20.19
N PRO A 56 10.01 10.44 20.18
CA PRO A 56 10.84 9.35 20.73
C PRO A 56 10.67 9.12 22.22
N ASN A 57 10.11 10.10 22.97
CA ASN A 57 9.80 9.87 24.37
C ASN A 57 8.52 9.09 24.58
N LEU A 58 7.69 8.94 23.52
CA LEU A 58 6.45 8.17 23.59
C LEU A 58 6.46 6.96 22.67
N ILE A 59 7.22 6.98 21.58
CA ILE A 59 7.29 5.87 20.63
C ILE A 59 8.64 5.16 20.83
N THR A 60 8.60 3.91 21.29
CA THR A 60 9.82 3.14 21.51
C THR A 60 9.85 1.93 20.57
N PHE A 61 10.93 1.79 19.79
CA PHE A 61 11.15 0.61 18.96
C PHE A 61 11.65 -0.56 19.80
N TYR A 62 11.08 -1.74 19.58
CA TYR A 62 11.60 -3.00 20.13
C TYR A 62 12.00 -3.92 18.96
N PRO A 63 13.26 -4.26 18.82
CA PRO A 63 13.69 -5.04 17.65
C PRO A 63 13.28 -6.50 17.75
N LEU A 64 13.09 -7.10 16.57
CA LEU A 64 12.80 -8.52 16.42
C LEU A 64 13.90 -9.15 15.58
N ASN A 65 14.30 -10.37 15.91
CA ASN A 65 15.22 -11.12 15.06
C ASN A 65 14.39 -11.97 14.10
N VAL A 66 14.49 -11.66 12.81
CA VAL A 66 13.72 -12.40 11.81
C VAL A 66 14.36 -13.78 11.64
N PRO A 67 13.72 -14.83 12.15
CA PRO A 67 14.37 -16.15 12.19
C PRO A 67 14.58 -16.72 10.80
N HIS A 68 15.65 -17.49 10.68
CA HIS A 68 15.91 -18.23 9.45
C HIS A 68 14.78 -19.21 9.16
N VAL A 69 14.38 -19.25 7.90
CA VAL A 69 13.50 -20.28 7.36
C VAL A 69 14.16 -20.78 6.09
N ASP A 70 14.13 -22.10 5.87
CA ASP A 70 14.81 -22.67 4.72
C ASP A 70 14.30 -22.01 3.45
N GLY A 71 15.23 -21.47 2.66
CA GLY A 71 14.88 -20.80 1.44
C GLY A 71 14.90 -19.28 1.54
N LEU A 72 14.98 -18.74 2.74
CA LEU A 72 14.98 -17.31 2.95
C LEU A 72 16.40 -16.78 2.87
N PRO A 73 16.66 -15.76 2.04
CA PRO A 73 18.03 -15.22 1.94
C PRO A 73 18.55 -14.78 3.29
N PHE A 74 19.87 -14.94 3.47
CA PHE A 74 20.51 -14.60 4.73
C PHE A 74 20.31 -13.12 5.05
N GLY A 75 19.89 -12.85 6.29
CA GLY A 75 19.71 -11.50 6.77
C GLY A 75 18.45 -10.79 6.30
N ALA A 76 17.59 -11.45 5.52
CA ALA A 76 16.45 -10.79 4.93
C ALA A 76 15.42 -10.44 6.00
N GLU A 77 14.91 -9.22 5.95
CA GLU A 77 13.97 -8.77 6.98
C GLU A 77 12.62 -8.36 6.43
N THR A 78 12.56 -7.72 5.25
CA THR A 78 11.31 -7.20 4.71
C THR A 78 11.15 -7.62 3.25
N THR A 79 9.96 -7.38 2.70
CA THR A 79 9.72 -7.72 1.29
C THR A 79 10.60 -6.92 0.35
N SER A 80 11.28 -5.88 0.83
CA SER A 80 12.25 -5.20 -0.04
C SER A 80 13.54 -6.01 -0.19
N ASP A 81 13.75 -7.03 0.64
CA ASP A 81 14.95 -7.86 0.64
C ASP A 81 14.79 -9.17 -0.11
N VAL A 82 13.59 -9.50 -0.59
CA VAL A 82 13.35 -10.78 -1.25
C VAL A 82 12.40 -10.57 -2.40
N ALA A 83 12.51 -11.43 -3.41
CA ALA A 83 11.60 -11.42 -4.54
C ALA A 83 10.20 -11.80 -4.09
N ILE A 84 9.21 -11.44 -4.93
CA ILE A 84 7.81 -11.58 -4.53
C ILE A 84 7.45 -13.05 -4.35
N SER A 85 8.10 -13.94 -5.11
CA SER A 85 7.86 -15.37 -4.91
C SER A 85 8.32 -15.88 -3.54
N LEU A 86 9.17 -15.14 -2.84
CA LEU A 86 9.65 -15.58 -1.53
C LEU A 86 8.86 -14.98 -0.37
N GLY A 87 7.83 -14.14 -0.64
CA GLY A 87 6.98 -13.64 0.40
C GLY A 87 6.40 -14.68 1.35
N PRO A 88 5.91 -15.82 0.85
CA PRO A 88 5.40 -16.83 1.78
C PRO A 88 6.43 -17.34 2.79
N ILE A 89 7.72 -17.38 2.42
CA ILE A 89 8.74 -17.85 3.35
C ILE A 89 8.99 -16.79 4.42
N LEU A 90 9.04 -15.52 4.02
CA LEU A 90 9.15 -14.45 5.00
C LEU A 90 7.96 -14.47 5.98
N MET A 91 6.77 -14.83 5.48
CA MET A 91 5.62 -14.99 6.37
C MET A 91 5.85 -16.11 7.39
N THR A 92 6.37 -17.27 6.92
CA THR A 92 6.74 -18.33 7.85
C THR A 92 7.69 -17.79 8.93
N ALA A 93 8.66 -16.98 8.52
CA ALA A 93 9.54 -16.31 9.48
C ALA A 93 8.75 -15.44 10.46
N MET A 94 7.78 -14.67 9.98
CA MET A 94 7.06 -13.82 10.91
C MET A 94 6.22 -14.66 11.88
N ASP A 95 5.63 -15.76 11.41
CA ASP A 95 5.01 -16.70 12.33
C ASP A 95 5.99 -17.13 13.42
N GLN A 96 7.25 -17.33 13.06
CA GLN A 96 8.27 -17.86 13.97
C GLN A 96 8.78 -16.83 14.99
N THR A 97 8.35 -15.57 14.90
CA THR A 97 8.66 -14.62 15.97
C THR A 97 7.73 -14.77 17.16
N GLN A 98 6.86 -15.78 17.15
CA GLN A 98 5.88 -15.90 18.23
C GLN A 98 6.54 -15.87 19.61
N ASN A 99 7.64 -16.60 19.78
CA ASN A 99 8.29 -16.67 21.08
C ASN A 99 8.79 -15.31 21.54
N GLN A 100 9.46 -14.56 20.66
CA GLN A 100 9.86 -13.24 21.11
C GLN A 100 8.67 -12.28 21.24
N ILE A 101 7.55 -12.56 20.58
CA ILE A 101 6.38 -11.70 20.72
C ILE A 101 5.72 -11.90 22.08
N GLU A 102 5.53 -13.18 22.50
CA GLU A 102 4.99 -13.44 23.84
C GLU A 102 5.87 -12.81 24.92
N LEU A 103 7.20 -12.87 24.76
CA LEU A 103 8.07 -12.26 25.76
C LEU A 103 7.84 -10.76 25.83
N LEU A 104 7.72 -10.12 24.67
CA LEU A 104 7.55 -8.67 24.64
C LEU A 104 6.22 -8.26 25.26
N LEU A 105 5.15 -8.99 24.96
CA LEU A 105 3.86 -8.65 25.54
C LEU A 105 3.88 -8.84 27.05
N THR A 106 4.58 -9.87 27.52
CA THR A 106 4.63 -10.12 28.96
C THR A 106 5.36 -8.99 29.68
N GLN A 107 6.48 -8.53 29.11
CA GLN A 107 7.22 -7.49 29.81
C GLN A 107 6.58 -6.12 29.66
N LEU A 108 6.04 -5.80 28.47
CA LEU A 108 5.58 -4.44 28.22
C LEU A 108 4.12 -4.22 28.63
N LYS A 109 3.31 -5.28 28.62
CA LYS A 109 1.89 -5.30 28.93
C LYS A 109 1.07 -4.14 28.35
N PRO A 110 0.93 -4.05 27.03
CA PRO A 110 0.04 -3.03 26.45
C PRO A 110 -1.42 -3.42 26.62
N GLN A 111 -2.30 -2.43 26.43
CA GLN A 111 -3.72 -2.73 26.48
C GLN A 111 -4.26 -3.23 25.13
N ILE A 112 -3.59 -2.88 24.03
CA ILE A 112 -4.00 -3.23 22.68
C ILE A 112 -2.74 -3.52 21.90
N ILE A 113 -2.83 -4.45 20.94
CA ILE A 113 -1.78 -4.64 19.94
C ILE A 113 -2.41 -4.58 18.54
N PHE A 114 -1.93 -3.66 17.70
CA PHE A 114 -2.28 -3.61 16.28
C PHE A 114 -1.42 -4.64 15.54
N PHE A 115 -2.01 -5.45 14.66
CA PHE A 115 -1.19 -6.45 13.97
C PHE A 115 -1.67 -6.70 12.54
N ASP A 116 -0.79 -7.31 11.74
CA ASP A 116 -1.09 -7.94 10.44
C ASP A 116 -0.90 -9.46 10.50
N PHE A 117 -1.75 -10.18 9.76
CA PHE A 117 -1.45 -11.54 9.29
C PHE A 117 -1.34 -12.65 10.34
N VAL A 118 -0.86 -12.38 11.55
CA VAL A 118 -0.50 -13.47 12.48
C VAL A 118 -1.75 -13.86 13.25
N PHE A 119 -2.49 -14.84 12.72
CA PHE A 119 -3.77 -15.21 13.35
C PHE A 119 -3.58 -16.02 14.63
N TRP A 120 -2.35 -16.43 14.95
CA TRP A 120 -2.12 -17.05 16.25
C TRP A 120 -2.09 -16.03 17.38
N LEU A 121 -2.09 -14.72 17.08
CA LEU A 121 -1.91 -13.73 18.14
C LEU A 121 -3.12 -13.60 19.05
N PRO A 122 -4.36 -13.51 18.55
CA PRO A 122 -5.49 -13.33 19.48
C PRO A 122 -5.54 -14.36 20.61
N LYS A 123 -5.13 -15.60 20.37
CA LYS A 123 -5.09 -16.58 21.45
C LYS A 123 -4.14 -16.14 22.55
N ILE A 124 -2.97 -15.65 22.18
CA ILE A 124 -1.99 -15.19 23.18
C ILE A 124 -2.52 -13.98 23.94
N THR A 125 -3.11 -13.02 23.23
CA THR A 125 -3.41 -11.74 23.88
C THR A 125 -4.55 -11.89 24.88
N GLN A 126 -5.54 -12.71 24.55
CA GLN A 126 -6.66 -12.85 25.47
C GLN A 126 -6.23 -13.56 26.74
N ARG A 127 -5.27 -14.49 26.64
CA ARG A 127 -4.71 -15.10 27.83
C ARG A 127 -3.98 -14.08 28.70
N LEU A 128 -3.41 -13.03 28.09
CA LEU A 128 -2.75 -11.99 28.85
C LEU A 128 -3.65 -10.82 29.17
N GLY A 129 -4.93 -10.88 28.81
CA GLY A 129 -5.81 -9.74 29.02
C GLY A 129 -5.52 -8.56 28.12
N ILE A 130 -4.98 -8.81 26.90
CA ILE A 130 -4.73 -7.77 25.90
C ILE A 130 -5.79 -7.87 24.80
N LYS A 131 -6.17 -6.73 24.24
CA LYS A 131 -7.12 -6.73 23.14
C LYS A 131 -6.37 -6.80 21.81
N SER A 132 -6.88 -7.59 20.88
CA SER A 132 -6.23 -7.78 19.59
C SER A 132 -6.95 -6.91 18.55
N PHE A 133 -6.18 -6.16 17.76
CA PHE A 133 -6.73 -5.22 16.78
C PHE A 133 -6.07 -5.46 15.43
N LEU A 134 -6.81 -6.09 14.51
CA LEU A 134 -6.28 -6.36 13.17
C LEU A 134 -6.38 -5.06 12.37
N TYR A 135 -5.23 -4.44 12.07
CA TYR A 135 -5.23 -3.09 11.47
C TYR A 135 -4.68 -3.13 10.05
N PHE A 136 -5.57 -2.98 9.06
CA PHE A 136 -5.20 -2.99 7.64
C PHE A 136 -4.86 -1.60 7.12
N ILE A 137 -3.76 -1.48 6.38
CA ILE A 137 -3.50 -0.24 5.65
C ILE A 137 -3.82 -0.38 4.16
N ILE A 138 -4.44 -1.50 3.74
CA ILE A 138 -4.94 -1.67 2.39
C ILE A 138 -6.43 -1.34 2.38
N ASN A 139 -7.05 -1.41 1.22
CA ASN A 139 -8.42 -0.95 1.02
C ASN A 139 -9.42 -1.94 1.61
N PRO A 140 -10.37 -1.50 2.45
CA PRO A 140 -11.43 -2.42 2.88
C PRO A 140 -12.26 -2.96 1.72
N ALA A 141 -12.30 -2.26 0.58
CA ALA A 141 -12.98 -2.81 -0.59
C ALA A 141 -12.35 -4.11 -1.04
N THR A 142 -11.04 -4.28 -0.82
CA THR A 142 -10.32 -5.47 -1.24
C THR A 142 -10.64 -6.67 -0.36
N ILE A 143 -10.49 -6.49 0.98
CA ILE A 143 -10.88 -7.53 1.93
C ILE A 143 -12.35 -7.91 1.74
N SER A 144 -13.22 -6.92 1.51
CA SER A 144 -14.63 -7.18 1.30
C SER A 144 -14.87 -8.08 0.09
N TYR A 145 -14.14 -7.84 -0.99
CA TYR A 145 -14.37 -8.54 -2.26
C TYR A 145 -13.87 -9.98 -2.24
N THR A 146 -12.79 -10.25 -1.49
CA THR A 146 -12.12 -11.55 -1.56
C THR A 146 -12.28 -12.42 -0.32
N THR A 147 -12.56 -11.84 0.85
CA THR A 147 -12.41 -12.54 2.13
C THR A 147 -13.64 -12.39 3.03
N SER A 148 -14.76 -11.92 2.52
CA SER A 148 -15.99 -11.95 3.29
C SER A 148 -16.51 -13.39 3.37
N PRO A 149 -17.31 -13.70 4.39
CA PRO A 149 -17.73 -15.09 4.62
C PRO A 149 -18.31 -15.74 3.37
N PRO A 150 -19.15 -15.06 2.58
CA PRO A 150 -19.68 -15.71 1.36
C PRO A 150 -18.60 -16.33 0.45
N ARG A 151 -17.43 -15.73 0.31
CA ARG A 151 -16.39 -16.35 -0.51
C ARG A 151 -15.78 -17.57 0.16
N MET A 152 -15.68 -17.55 1.50
CA MET A 152 -14.92 -18.56 2.22
C MET A 152 -15.64 -19.90 2.25
N PHE A 153 -16.97 -19.88 2.18
CA PHE A 153 -17.75 -21.09 2.37
C PHE A 153 -17.81 -21.94 1.11
N GLU A 154 -17.56 -21.34 -0.05
CA GLU A 154 -17.43 -22.16 -1.24
C GLU A 154 -16.13 -22.95 -1.19
N ALA A 155 -15.15 -22.45 -0.42
CA ALA A 155 -13.87 -23.11 -0.18
C ALA A 155 -13.13 -23.33 -1.50
N GLU A 156 -13.13 -24.57 -2.00
CA GLU A 156 -12.42 -24.87 -3.23
C GLU A 156 -13.30 -24.77 -4.47
N ASN A 157 -14.58 -24.47 -4.33
CA ASN A 157 -15.43 -24.22 -5.49
C ASN A 157 -15.27 -22.81 -6.07
N LEU A 158 -14.49 -21.95 -5.42
CA LEU A 158 -14.34 -20.56 -5.87
C LEU A 158 -13.42 -20.52 -7.09
N THR A 159 -13.93 -19.97 -8.19
CA THR A 159 -13.27 -20.02 -9.49
C THR A 159 -13.21 -18.64 -10.14
N GLU A 160 -12.55 -18.58 -11.30
CA GLU A 160 -12.35 -17.31 -11.98
C GLU A 160 -13.67 -16.62 -12.33
N VAL A 161 -14.68 -17.37 -12.77
CA VAL A 161 -15.95 -16.69 -13.06
C VAL A 161 -16.58 -16.22 -11.76
N ASP A 162 -16.39 -16.96 -10.67
CA ASP A 162 -16.92 -16.53 -9.38
C ASP A 162 -16.33 -15.20 -8.95
N LEU A 163 -15.06 -14.96 -9.26
CA LEU A 163 -14.39 -13.73 -8.83
C LEU A 163 -14.57 -12.56 -9.81
N MET A 164 -15.27 -12.76 -10.93
CA MET A 164 -15.73 -11.63 -11.75
C MET A 164 -16.98 -10.95 -11.19
N LYS A 165 -17.63 -11.55 -10.21
CA LYS A 165 -18.78 -10.94 -9.57
C LYS A 165 -18.46 -10.64 -8.11
N PRO A 166 -19.03 -9.60 -7.52
CA PRO A 166 -18.78 -9.33 -6.10
C PRO A 166 -19.45 -10.38 -5.25
N PRO A 167 -19.05 -10.54 -3.99
CA PRO A 167 -19.78 -11.44 -3.10
C PRO A 167 -21.18 -10.91 -2.82
N LYS A 168 -22.00 -11.78 -2.22
CA LYS A 168 -23.37 -11.41 -1.89
C LYS A 168 -23.40 -10.23 -0.92
N GLY A 169 -24.17 -9.21 -1.26
CA GLY A 169 -24.33 -8.03 -0.42
C GLY A 169 -23.26 -6.98 -0.57
N TYR A 170 -22.30 -7.16 -1.47
CA TYR A 170 -21.22 -6.19 -1.66
C TYR A 170 -21.81 -4.83 -2.05
N PRO A 171 -21.32 -3.74 -1.46
CA PRO A 171 -22.04 -2.46 -1.57
C PRO A 171 -21.85 -1.67 -2.86
N THR A 172 -20.92 -2.03 -3.75
CA THR A 172 -20.72 -1.24 -4.96
C THR A 172 -20.45 -2.17 -6.13
N SER A 173 -20.36 -1.58 -7.31
CA SER A 173 -20.19 -2.35 -8.54
C SER A 173 -18.98 -1.85 -9.29
N PHE A 174 -18.08 -2.77 -9.65
CA PHE A 174 -17.06 -2.50 -10.64
C PHE A 174 -16.75 -3.80 -11.38
N ASN A 175 -16.10 -3.65 -12.53
CA ASN A 175 -15.81 -4.78 -13.39
C ASN A 175 -14.33 -5.09 -13.32
N LEU A 176 -14.00 -6.37 -13.21
CA LEU A 176 -12.64 -6.85 -13.33
C LEU A 176 -12.44 -7.42 -14.74
N GLN A 177 -11.21 -7.31 -15.22
CA GLN A 177 -10.87 -8.02 -16.44
C GLN A 177 -10.60 -9.49 -16.15
N SER A 178 -10.78 -10.30 -17.19
CA SER A 178 -10.58 -11.75 -17.09
C SER A 178 -9.22 -12.12 -16.47
N HIS A 179 -8.13 -11.48 -16.92
CA HIS A 179 -6.82 -11.82 -16.37
C HIS A 179 -6.70 -11.42 -14.89
N GLU A 180 -7.47 -10.42 -14.45
CA GLU A 180 -7.44 -10.01 -13.04
C GLU A 180 -8.19 -11.03 -12.17
N ALA A 181 -9.34 -11.49 -12.63
CA ALA A 181 -10.07 -12.51 -11.88
C ALA A 181 -9.28 -13.81 -11.82
N LYS A 182 -8.52 -14.12 -12.87
CA LYS A 182 -7.68 -15.31 -12.88
C LYS A 182 -6.54 -15.20 -11.87
N HIS A 183 -5.92 -14.02 -11.77
CA HIS A 183 -4.96 -13.75 -10.71
C HIS A 183 -5.56 -13.99 -9.33
N LEU A 184 -6.71 -13.38 -9.04
CA LEU A 184 -7.34 -13.53 -7.73
C LEU A 184 -7.66 -15.00 -7.42
N ALA A 185 -8.12 -15.76 -8.41
CA ALA A 185 -8.53 -17.13 -8.15
C ALA A 185 -7.34 -18.03 -7.85
N SER A 186 -6.22 -17.85 -8.57
CA SER A 186 -5.09 -18.72 -8.30
C SER A 186 -4.29 -18.29 -7.07
N THR A 187 -4.04 -16.98 -6.90
CA THR A 187 -3.18 -16.56 -5.78
C THR A 187 -3.83 -16.79 -4.43
N ARG A 188 -5.16 -16.76 -4.33
CA ARG A 188 -5.83 -16.89 -3.03
C ARG A 188 -5.60 -18.25 -2.40
N LYS A 189 -5.31 -19.28 -3.20
CA LYS A 189 -5.07 -20.59 -2.63
C LYS A 189 -3.58 -20.90 -2.45
N ILE A 190 -2.69 -20.02 -2.93
CA ILE A 190 -1.25 -20.23 -2.70
C ILE A 190 -0.95 -20.10 -1.22
N GLU A 191 -0.10 -21.00 -0.73
CA GLU A 191 0.30 -20.97 0.67
C GLU A 191 1.14 -19.73 0.99
N PHE A 192 0.76 -19.00 2.04
CA PHE A 192 1.46 -17.79 2.44
C PHE A 192 1.88 -17.99 3.90
N GLY A 193 2.99 -18.69 4.09
CA GLY A 193 3.52 -18.89 5.44
C GLY A 193 2.97 -20.11 6.16
N SER A 194 3.87 -20.98 6.62
CA SER A 194 3.50 -22.10 7.49
C SER A 194 2.39 -22.96 6.88
N GLY A 195 2.36 -23.07 5.55
CA GLY A 195 1.41 -23.95 4.89
C GLY A 195 -0.02 -23.45 4.84
N ILE A 196 -0.30 -22.20 5.20
CA ILE A 196 -1.65 -21.67 5.29
C ILE A 196 -1.99 -20.95 3.98
N PRO A 197 -3.06 -21.34 3.28
CA PRO A 197 -3.42 -20.62 2.06
C PRO A 197 -3.72 -19.16 2.33
N PHE A 198 -3.40 -18.30 1.35
CA PHE A 198 -3.42 -16.85 1.58
C PHE A 198 -4.77 -16.36 2.09
N SER A 199 -5.86 -16.69 1.41
CA SER A 199 -7.12 -16.10 1.89
C SER A 199 -7.58 -16.72 3.20
N VAL A 200 -7.20 -17.98 3.48
CA VAL A 200 -7.59 -18.61 4.75
C VAL A 200 -6.94 -17.91 5.93
N ARG A 201 -5.61 -17.73 5.89
CA ARG A 201 -5.00 -16.64 6.66
C ARG A 201 -5.67 -15.36 6.20
N SER A 202 -5.86 -14.41 7.09
CA SER A 202 -6.68 -13.23 6.83
C SER A 202 -8.10 -13.51 7.31
N TYR A 203 -8.75 -14.50 6.70
CA TYR A 203 -10.06 -14.91 7.20
C TYR A 203 -9.96 -15.38 8.64
N ASN A 204 -8.93 -16.19 8.96
CA ASN A 204 -8.64 -16.55 10.36
C ASN A 204 -8.40 -15.30 11.21
N CYS A 205 -7.61 -14.35 10.70
CA CYS A 205 -7.36 -13.11 11.42
C CYS A 205 -8.65 -12.35 11.66
N LEU A 206 -9.46 -12.22 10.62
CA LEU A 206 -10.73 -11.51 10.78
C LEU A 206 -11.65 -12.23 11.76
N SER A 207 -11.67 -13.56 11.72
CA SER A 207 -12.58 -14.34 12.56
C SER A 207 -12.19 -14.31 14.03
N LEU A 208 -10.90 -14.32 14.33
CA LEU A 208 -10.43 -14.51 15.70
C LEU A 208 -10.04 -13.23 16.41
N THR A 209 -9.97 -12.09 15.73
CA THR A 209 -9.54 -10.90 16.43
C THR A 209 -10.69 -10.28 17.23
N ASP A 210 -10.33 -9.45 18.22
CA ASP A 210 -11.33 -8.70 18.99
C ASP A 210 -11.98 -7.61 18.14
N ALA A 211 -11.17 -6.81 17.44
CA ALA A 211 -11.71 -5.76 16.59
C ALA A 211 -10.85 -5.62 15.34
N ILE A 212 -11.41 -4.94 14.33
CA ILE A 212 -10.79 -4.73 13.02
C ILE A 212 -10.67 -3.23 12.77
N GLY A 213 -9.60 -2.84 12.09
CA GLY A 213 -9.42 -1.44 11.71
C GLY A 213 -8.81 -1.30 10.33
N PHE A 214 -9.11 -0.16 9.71
CA PHE A 214 -8.65 0.19 8.37
C PHE A 214 -8.19 1.64 8.32
N LYS A 215 -7.10 1.88 7.60
CA LYS A 215 -6.86 3.21 7.06
C LYS A 215 -8.05 3.66 6.22
N GLY A 216 -8.47 4.92 6.38
CA GLY A 216 -9.58 5.43 5.59
C GLY A 216 -10.56 6.34 6.33
N CYS A 217 -11.55 6.87 5.61
CA CYS A 217 -12.54 7.78 6.17
C CYS A 217 -13.93 7.36 5.71
N ARG A 218 -14.95 7.83 6.45
CA ARG A 218 -16.33 7.43 6.13
C ARG A 218 -16.71 7.77 4.71
N GLU A 219 -16.20 8.90 4.20
CA GLU A 219 -16.68 9.41 2.92
C GLU A 219 -16.23 8.56 1.75
N ILE A 220 -15.16 7.77 1.90
CA ILE A 220 -14.66 6.88 0.84
C ILE A 220 -14.81 5.41 1.23
N GLU A 221 -14.30 5.03 2.40
CA GLU A 221 -14.22 3.64 2.83
C GLU A 221 -15.46 3.16 3.59
N GLY A 222 -16.32 4.07 4.04
CA GLY A 222 -17.50 3.74 4.84
C GLY A 222 -18.36 2.56 4.38
N PRO A 223 -18.79 2.55 3.11
CA PRO A 223 -19.65 1.43 2.66
C PRO A 223 -19.01 0.06 2.87
N TYR A 224 -17.69 -0.06 2.69
CA TYR A 224 -17.01 -1.33 2.86
C TYR A 224 -16.82 -1.69 4.33
N VAL A 225 -16.49 -0.71 5.17
CA VAL A 225 -16.37 -0.97 6.60
C VAL A 225 -17.73 -1.39 7.20
N ASP A 226 -18.83 -0.81 6.70
CA ASP A 226 -20.16 -1.20 7.18
C ASP A 226 -20.48 -2.66 6.83
N TYR A 227 -20.23 -3.03 5.57
CA TYR A 227 -20.42 -4.40 5.12
C TYR A 227 -19.60 -5.38 5.94
N LEU A 228 -18.33 -5.07 6.18
CA LEU A 228 -17.51 -6.00 6.95
C LEU A 228 -18.01 -6.10 8.39
N GLN A 229 -18.48 -4.99 8.95
CA GLN A 229 -18.96 -5.04 10.33
C GLN A 229 -20.21 -5.91 10.45
N GLU A 230 -21.10 -5.85 9.47
CA GLU A 230 -22.29 -6.70 9.54
C GLU A 230 -21.93 -8.15 9.27
N GLN A 231 -20.94 -8.41 8.41
CA GLN A 231 -20.54 -9.77 8.07
C GLN A 231 -19.87 -10.47 9.25
N PHE A 232 -18.94 -9.78 9.93
CA PHE A 232 -18.15 -10.42 10.99
C PHE A 232 -18.64 -10.10 12.39
N GLY A 233 -19.60 -9.19 12.54
CA GLY A 233 -20.26 -8.98 13.82
C GLY A 233 -19.43 -8.35 14.90
N LYS A 234 -18.29 -7.76 14.56
CA LYS A 234 -17.42 -7.10 15.53
C LYS A 234 -17.09 -5.70 15.03
N PRO A 235 -16.55 -4.84 15.88
CA PRO A 235 -16.31 -3.45 15.44
C PRO A 235 -15.27 -3.40 14.33
N VAL A 236 -15.55 -2.61 13.29
CA VAL A 236 -14.62 -2.34 12.21
C VAL A 236 -14.39 -0.83 12.21
N LEU A 237 -13.21 -0.42 12.65
CA LEU A 237 -12.92 1.00 12.87
C LEU A 237 -12.23 1.61 11.64
N LEU A 238 -12.25 2.94 11.59
CA LEU A 238 -11.52 3.72 10.58
C LEU A 238 -10.55 4.63 11.31
N SER A 239 -9.26 4.56 10.95
CA SER A 239 -8.26 5.41 11.61
C SER A 239 -8.24 6.84 11.08
N GLY A 240 -8.96 7.13 10.02
CA GLY A 240 -8.68 8.32 9.24
C GLY A 240 -7.69 7.96 8.16
N PRO A 241 -7.46 8.87 7.22
CA PRO A 241 -6.75 8.49 5.98
C PRO A 241 -5.24 8.38 6.12
N VAL A 242 -4.70 8.55 7.33
CA VAL A 242 -3.28 8.46 7.63
C VAL A 242 -2.50 9.35 6.66
N LEU A 243 -2.66 10.66 6.80
CA LEU A 243 -1.94 11.60 5.95
C LEU A 243 -0.44 11.55 6.28
N PRO A 244 0.42 11.53 5.27
CA PRO A 244 1.85 11.38 5.54
C PRO A 244 2.37 12.51 6.42
N GLU A 245 3.19 12.16 7.39
CA GLU A 245 3.85 13.11 8.27
C GLU A 245 5.21 13.47 7.68
N GLN A 246 5.78 14.59 8.16
CA GLN A 246 7.05 15.07 7.62
C GLN A 246 8.22 14.31 8.23
N SER A 247 9.07 13.77 7.36
CA SER A 247 10.34 13.16 7.79
C SER A 247 11.30 14.21 8.33
N LYS A 248 12.24 13.74 9.17
CA LYS A 248 13.30 14.61 9.66
C LYS A 248 14.51 14.65 8.72
N THR A 249 14.34 14.19 7.49
CA THR A 249 15.37 14.14 6.48
C THR A 249 14.90 14.95 5.29
N ALA A 250 15.61 16.02 4.94
CA ALA A 250 15.18 16.80 3.79
C ALA A 250 15.43 16.04 2.49
N LEU A 251 14.93 16.60 1.39
CA LEU A 251 15.04 15.94 0.10
C LEU A 251 16.48 15.95 -0.39
N ASP A 252 16.98 14.77 -0.77
CA ASP A 252 18.33 14.63 -1.29
C ASP A 252 18.63 15.70 -2.34
N GLU A 253 19.76 16.40 -2.14
CA GLU A 253 20.07 17.56 -2.96
C GLU A 253 20.32 17.19 -4.41
N LYS A 254 20.81 15.97 -4.66
CA LYS A 254 20.95 15.48 -6.03
C LYS A 254 19.60 15.53 -6.75
N TRP A 255 18.52 15.13 -6.08
CA TRP A 255 17.23 15.15 -6.76
C TRP A 255 16.64 16.56 -6.76
N GLY A 256 16.78 17.28 -5.64
CA GLY A 256 16.30 18.65 -5.59
C GLY A 256 16.89 19.51 -6.69
N SER A 257 18.19 19.38 -6.91
CA SER A 257 18.84 20.16 -7.96
C SER A 257 18.31 19.79 -9.33
N TRP A 258 18.20 18.48 -9.59
CA TRP A 258 17.80 18.04 -10.93
C TRP A 258 16.33 18.35 -11.19
N LEU A 259 15.47 18.07 -10.22
CA LEU A 259 14.06 18.43 -10.37
C LEU A 259 13.89 19.93 -10.59
N GLY A 260 14.63 20.73 -9.82
CA GLY A 260 14.50 22.18 -9.87
C GLY A 260 14.78 22.82 -11.22
N GLY A 261 15.42 22.09 -12.13
CA GLY A 261 15.65 22.62 -13.46
C GLY A 261 14.47 22.56 -14.40
N PHE A 262 13.38 21.90 -14.02
CA PHE A 262 12.25 21.78 -14.92
C PHE A 262 11.17 22.81 -14.57
N LYS A 263 10.41 23.22 -15.59
CA LYS A 263 9.32 24.14 -15.37
C LYS A 263 8.20 23.47 -14.57
N ASP A 264 7.57 24.26 -13.72
CA ASP A 264 6.51 23.77 -12.84
C ASP A 264 5.49 22.94 -13.62
N GLY A 265 5.14 21.78 -13.08
CA GLY A 265 4.09 20.96 -13.64
C GLY A 265 4.41 20.18 -14.91
N SER A 266 5.69 20.09 -15.30
CA SER A 266 6.06 19.50 -16.59
C SER A 266 6.57 18.06 -16.52
N LEU A 267 6.93 17.56 -15.34
CA LEU A 267 7.64 16.29 -15.22
C LEU A 267 6.67 15.14 -14.96
N VAL A 268 6.92 14.01 -15.61
CA VAL A 268 6.18 12.78 -15.33
C VAL A 268 6.99 11.96 -14.32
N TYR A 269 6.40 11.67 -13.17
CA TYR A 269 7.03 10.78 -12.19
C TYR A 269 6.35 9.41 -12.25
N CYS A 270 7.15 8.36 -12.44
CA CYS A 270 6.64 6.99 -12.55
C CYS A 270 7.34 6.07 -11.54
N ALA A 271 6.56 5.37 -10.71
CA ALA A 271 7.14 4.44 -9.74
C ALA A 271 6.16 3.31 -9.45
N LEU A 272 6.66 2.07 -9.38
CA LEU A 272 5.81 0.91 -9.16
C LEU A 272 6.14 0.18 -7.85
N GLY A 273 6.49 0.94 -6.80
CA GLY A 273 6.77 0.38 -5.48
C GLY A 273 8.17 -0.23 -5.38
N SER A 274 8.34 -1.07 -4.36
CA SER A 274 9.62 -1.74 -4.10
C SER A 274 9.47 -3.25 -4.00
N GLU A 275 8.38 -3.81 -4.53
CA GLU A 275 8.09 -5.23 -4.36
C GLU A 275 8.09 -6.03 -5.68
N LEU A 276 8.36 -5.39 -6.82
CA LEU A 276 8.08 -6.05 -8.09
C LEU A 276 9.09 -5.66 -9.15
N LYS A 277 9.32 -6.59 -10.08
CA LYS A 277 10.15 -6.40 -11.27
C LYS A 277 9.25 -6.57 -12.50
N LEU A 278 9.30 -5.62 -13.42
CA LEU A 278 8.59 -5.83 -14.67
C LEU A 278 9.29 -6.88 -15.54
N LYS A 279 8.52 -7.53 -16.42
CA LYS A 279 9.12 -8.28 -17.51
C LYS A 279 9.74 -7.31 -18.52
N GLN A 280 10.79 -7.77 -19.22
CA GLN A 280 11.57 -6.85 -20.05
C GLN A 280 10.73 -6.22 -21.15
N ASP A 281 9.80 -6.98 -21.73
CA ASP A 281 8.94 -6.41 -22.78
C ASP A 281 8.11 -5.25 -22.25
N GLN A 282 7.51 -5.43 -21.07
CA GLN A 282 6.70 -4.37 -20.49
C GLN A 282 7.56 -3.23 -19.95
N PHE A 283 8.78 -3.56 -19.48
CA PHE A 283 9.75 -2.53 -19.12
C PHE A 283 10.05 -1.61 -20.32
N HIS A 284 10.23 -2.19 -21.50
CA HIS A 284 10.48 -1.39 -22.70
C HIS A 284 9.25 -0.58 -23.12
N GLU A 285 8.07 -1.21 -23.16
CA GLU A 285 6.88 -0.49 -23.57
C GLU A 285 6.65 0.71 -22.64
N LEU A 286 6.79 0.53 -21.34
CA LEU A 286 6.60 1.64 -20.41
C LEU A 286 7.55 2.79 -20.74
N LEU A 287 8.84 2.49 -20.90
CA LEU A 287 9.83 3.57 -21.06
C LEU A 287 9.70 4.24 -22.42
N LEU A 288 9.48 3.45 -23.47
CA LEU A 288 9.22 4.04 -24.79
C LEU A 288 7.94 4.87 -24.77
N GLY A 289 6.91 4.42 -24.05
CA GLY A 289 5.71 5.24 -23.91
C GLY A 289 5.98 6.58 -23.24
N LEU A 290 6.77 6.59 -22.16
CA LEU A 290 7.11 7.87 -21.54
C LEU A 290 7.87 8.75 -22.51
N GLU A 291 8.84 8.17 -23.23
CA GLU A 291 9.62 8.92 -24.20
C GLU A 291 8.74 9.54 -25.28
N LEU A 292 7.69 8.83 -25.71
CA LEU A 292 6.82 9.31 -26.77
C LEU A 292 6.06 10.58 -26.40
N THR A 293 5.83 10.81 -25.11
CA THR A 293 5.11 12.00 -24.72
C THR A 293 5.92 13.27 -24.93
N GLY A 294 7.25 13.17 -24.91
CA GLY A 294 8.09 14.34 -25.00
C GLY A 294 8.29 15.08 -23.69
N PHE A 295 7.58 14.71 -22.62
CA PHE A 295 7.78 15.38 -21.36
C PHE A 295 9.01 14.81 -20.64
N PRO A 296 9.67 15.62 -19.81
CA PRO A 296 10.69 15.05 -18.92
C PRO A 296 10.05 14.03 -17.99
N PHE A 297 10.84 13.04 -17.58
CA PHE A 297 10.31 11.99 -16.72
C PHE A 297 11.39 11.48 -15.81
N LEU A 298 10.96 10.96 -14.66
CA LEU A 298 11.80 10.24 -13.71
C LEU A 298 11.10 8.92 -13.41
N ALA A 299 11.72 7.81 -13.81
CA ALA A 299 11.11 6.51 -13.61
C ALA A 299 11.92 5.75 -12.57
N ILE A 300 11.28 5.35 -11.48
CA ILE A 300 11.92 4.62 -10.40
C ILE A 300 11.48 3.16 -10.53
N LEU A 301 12.38 2.33 -11.05
CA LEU A 301 12.04 0.98 -11.48
C LEU A 301 13.17 0.02 -11.15
N LYS A 302 12.83 -1.18 -10.69
CA LYS A 302 13.83 -2.24 -10.62
C LYS A 302 14.21 -2.67 -12.03
N PRO A 303 15.40 -3.23 -12.22
CA PRO A 303 15.72 -3.82 -13.52
C PRO A 303 14.78 -4.99 -13.78
N PRO A 304 14.45 -5.24 -15.04
CA PRO A 304 13.46 -6.28 -15.34
C PRO A 304 13.98 -7.68 -14.99
N VAL A 305 13.03 -8.62 -14.96
CA VAL A 305 13.34 -10.01 -14.65
C VAL A 305 14.50 -10.49 -15.51
N GLY A 306 15.48 -11.13 -14.88
CA GLY A 306 16.62 -11.65 -15.58
C GLY A 306 17.78 -10.68 -15.70
N PHE A 307 17.56 -9.39 -15.43
CA PHE A 307 18.57 -8.35 -15.60
C PHE A 307 18.97 -7.78 -14.24
N GLU A 308 20.21 -7.32 -14.13
CA GLU A 308 20.67 -6.81 -12.85
C GLU A 308 20.98 -5.33 -12.81
N THR A 309 21.12 -4.68 -13.97
CA THR A 309 21.31 -3.24 -14.02
C THR A 309 20.33 -2.62 -14.99
N ILE A 310 19.92 -1.38 -14.69
CA ILE A 310 19.01 -0.65 -15.56
C ILE A 310 19.61 -0.51 -16.95
N GLU A 311 20.88 -0.11 -16.99
CA GLU A 311 21.52 0.21 -18.26
C GLU A 311 21.53 -0.99 -19.20
N ASP A 312 21.72 -2.21 -18.67
CA ASP A 312 21.69 -3.42 -19.50
C ASP A 312 20.37 -3.58 -20.23
N ALA A 313 19.28 -3.17 -19.61
CA ALA A 313 17.94 -3.49 -20.06
C ALA A 313 17.26 -2.37 -20.84
N LEU A 314 17.89 -1.20 -20.94
CA LEU A 314 17.27 -0.08 -21.62
C LEU A 314 17.09 -0.39 -23.10
N PRO A 315 15.99 0.07 -23.73
CA PRO A 315 15.85 -0.11 -25.18
C PRO A 315 17.03 0.50 -25.92
N GLU A 316 17.37 -0.06 -27.08
CA GLU A 316 18.59 0.37 -27.78
C GLU A 316 18.46 1.83 -28.23
N GLY A 317 19.52 2.62 -27.96
CA GLY A 317 19.51 4.03 -28.27
C GLY A 317 18.79 4.93 -27.28
N PHE A 318 18.16 4.36 -26.25
CA PHE A 318 17.26 5.11 -25.39
C PHE A 318 17.99 6.25 -24.67
N LYS A 319 19.10 5.93 -24.02
CA LYS A 319 19.81 6.95 -23.25
C LYS A 319 20.29 8.08 -24.15
N GLU A 320 20.76 7.75 -25.35
CA GLU A 320 21.25 8.78 -26.27
C GLU A 320 20.13 9.67 -26.82
N ARG A 321 18.88 9.21 -26.80
CA ARG A 321 17.78 10.03 -27.28
C ARG A 321 17.24 10.95 -26.18
N VAL A 322 16.94 10.39 -25.01
CA VAL A 322 16.25 11.18 -23.99
C VAL A 322 17.22 12.15 -23.30
N LYS A 323 18.51 11.87 -23.31
CA LYS A 323 19.55 12.82 -22.88
C LYS A 323 19.27 13.24 -21.44
N GLU A 324 19.20 14.54 -21.14
CA GLU A 324 19.00 15.02 -19.79
C GLU A 324 17.53 15.15 -19.42
N LYS A 325 16.62 14.85 -20.33
CA LYS A 325 15.21 15.05 -20.04
C LYS A 325 14.60 13.86 -19.30
N GLY A 326 15.31 12.74 -19.18
CA GLY A 326 14.74 11.58 -18.53
C GLY A 326 15.76 10.76 -17.78
N ILE A 327 15.37 10.25 -16.62
CA ILE A 327 16.22 9.38 -15.82
C ILE A 327 15.43 8.12 -15.49
N VAL A 328 16.09 6.97 -15.63
CA VAL A 328 15.57 5.70 -15.14
C VAL A 328 16.52 5.24 -14.04
N HIS A 329 15.99 5.01 -12.85
CA HIS A 329 16.80 4.86 -11.66
C HIS A 329 16.23 3.75 -10.77
N SER A 330 17.13 2.99 -10.13
CA SER A 330 16.76 1.78 -9.39
C SER A 330 16.75 1.92 -7.86
N GLY A 331 17.42 2.87 -7.27
CA GLY A 331 17.47 2.93 -5.82
C GLY A 331 16.14 3.37 -5.17
N TRP A 332 16.07 3.14 -3.86
CA TRP A 332 15.02 3.71 -3.01
C TRP A 332 15.16 5.23 -2.96
N ILE A 333 14.07 5.96 -3.24
CA ILE A 333 14.13 7.41 -3.17
C ILE A 333 13.07 7.96 -2.21
N GLN A 334 13.07 9.27 -2.00
CA GLN A 334 12.14 9.92 -1.07
C GLN A 334 10.87 10.30 -1.84
N GLN A 335 10.02 9.30 -2.07
CA GLN A 335 8.90 9.48 -3.01
C GLN A 335 7.96 10.58 -2.54
N GLN A 336 7.65 10.61 -1.24
CA GLN A 336 6.73 11.62 -0.74
C GLN A 336 7.29 13.01 -0.99
N LEU A 337 8.60 13.19 -0.83
CA LEU A 337 9.17 14.51 -1.07
C LEU A 337 9.19 14.84 -2.56
N ILE A 338 9.31 13.82 -3.41
CA ILE A 338 9.29 14.09 -4.85
C ILE A 338 7.89 14.48 -5.31
N LEU A 339 6.87 13.74 -4.85
CA LEU A 339 5.50 14.08 -5.22
C LEU A 339 5.12 15.49 -4.80
N GLU A 340 5.76 16.04 -3.77
CA GLU A 340 5.50 17.41 -3.34
C GLU A 340 6.18 18.46 -4.22
N HIS A 341 7.14 18.08 -5.05
CA HIS A 341 7.92 19.07 -5.77
C HIS A 341 7.11 19.67 -6.93
N PRO A 342 7.20 20.99 -7.13
CA PRO A 342 6.35 21.64 -8.14
C PRO A 342 6.65 21.26 -9.59
N SER A 343 7.78 20.59 -9.87
CA SER A 343 8.03 20.15 -11.25
C SER A 343 7.10 19.02 -11.69
N VAL A 344 6.60 18.23 -10.74
CA VAL A 344 5.88 16.99 -11.04
C VAL A 344 4.46 17.35 -11.48
N GLY A 345 4.13 17.06 -12.74
CA GLY A 345 2.77 17.30 -13.23
C GLY A 345 1.91 16.04 -13.35
N CYS A 346 2.54 14.88 -13.32
CA CYS A 346 1.86 13.60 -13.57
C CYS A 346 2.54 12.49 -12.77
N PHE A 347 1.73 11.57 -12.19
CA PHE A 347 2.18 10.44 -11.38
C PHE A 347 1.64 9.15 -12.00
N VAL A 348 2.53 8.33 -12.56
CA VAL A 348 2.19 7.02 -13.09
C VAL A 348 2.44 6.02 -11.96
N THR A 349 1.38 5.42 -11.43
CA THR A 349 1.52 4.68 -10.18
C THR A 349 1.06 3.23 -10.34
N HIS A 350 1.67 2.34 -9.57
CA HIS A 350 1.20 0.96 -9.52
C HIS A 350 -0.07 0.79 -8.67
N CYS A 351 -0.55 1.87 -8.03
CA CYS A 351 -1.80 1.88 -7.26
C CYS A 351 -1.71 1.13 -5.92
N GLY A 352 -0.51 0.99 -5.36
CA GLY A 352 -0.39 0.58 -3.96
C GLY A 352 -1.08 1.58 -3.04
N ALA A 353 -1.53 1.07 -1.88
CA ALA A 353 -2.36 1.87 -0.99
C ALA A 353 -1.63 3.12 -0.50
N GLY A 354 -0.33 3.01 -0.22
CA GLY A 354 0.41 4.18 0.25
C GLY A 354 0.64 5.20 -0.85
N SER A 355 1.01 4.72 -2.05
CA SER A 355 1.22 5.62 -3.18
C SER A 355 -0.07 6.33 -3.57
N ILE A 356 -1.21 5.63 -3.44
CA ILE A 356 -2.50 6.25 -3.75
C ILE A 356 -2.71 7.48 -2.86
N THR A 357 -2.55 7.31 -1.55
CA THR A 357 -2.74 8.44 -0.63
C THR A 357 -1.77 9.56 -0.94
N GLU A 358 -0.50 9.21 -1.17
CA GLU A 358 0.51 10.23 -1.44
C GLU A 358 0.18 11.03 -2.70
N GLY A 359 -0.43 10.37 -3.71
CA GLY A 359 -0.87 11.07 -4.91
C GLY A 359 -2.10 11.93 -4.68
N LEU A 360 -3.08 11.40 -3.93
CA LEU A 360 -4.32 12.13 -3.69
C LEU A 360 -4.08 13.45 -2.98
N VAL A 361 -3.14 13.51 -2.03
CA VAL A 361 -2.94 14.75 -1.28
C VAL A 361 -2.03 15.74 -2.00
N ASN A 362 -1.58 15.43 -3.21
CA ASN A 362 -0.73 16.32 -3.97
C ASN A 362 -1.43 16.78 -5.25
N ASN A 363 -0.76 17.61 -6.04
CA ASN A 363 -1.40 18.23 -7.19
C ASN A 363 -1.28 17.43 -8.48
N CYS A 364 -0.40 16.43 -8.52
CA CYS A 364 -0.11 15.72 -9.76
C CYS A 364 -1.36 15.05 -10.34
N GLN A 365 -1.45 15.06 -11.68
CA GLN A 365 -2.42 14.21 -12.35
C GLN A 365 -2.03 12.75 -12.17
N MET A 366 -3.03 11.87 -12.02
CA MET A 366 -2.79 10.45 -11.72
C MET A 366 -3.02 9.60 -12.95
N VAL A 367 -2.02 8.80 -13.31
CA VAL A 367 -2.16 7.76 -14.34
C VAL A 367 -2.04 6.41 -13.64
N LEU A 368 -3.07 5.58 -13.76
CA LEU A 368 -3.15 4.35 -12.98
C LEU A 368 -2.64 3.18 -13.81
N LEU A 369 -1.58 2.54 -13.34
CA LEU A 369 -0.97 1.39 -14.01
C LEU A 369 -0.86 0.25 -13.00
N PRO A 370 -1.99 -0.30 -12.54
CA PRO A 370 -1.93 -1.28 -11.46
C PRO A 370 -1.13 -2.50 -11.88
N GLN A 371 -0.32 -3.02 -10.96
CA GLN A 371 0.36 -4.28 -11.21
C GLN A 371 -0.47 -5.43 -10.63
N LEU A 372 0.01 -6.68 -10.78
CA LEU A 372 -0.83 -7.84 -10.48
C LEU A 372 -0.87 -8.08 -8.98
N ASN A 373 -1.87 -7.51 -8.33
CA ASN A 373 -2.08 -7.62 -6.89
C ASN A 373 -3.51 -7.18 -6.65
N GLY A 374 -4.23 -7.92 -5.80
CA GLY A 374 -5.66 -7.64 -5.61
C GLY A 374 -5.94 -6.23 -5.14
N ASP A 375 -5.21 -5.76 -4.12
CA ASP A 375 -5.44 -4.39 -3.66
C ASP A 375 -5.11 -3.37 -4.75
N TYR A 376 -3.99 -3.56 -5.47
CA TYR A 376 -3.64 -2.61 -6.53
C TYR A 376 -4.79 -2.50 -7.53
N ILE A 377 -5.29 -3.66 -8.01
CA ILE A 377 -6.33 -3.69 -9.04
C ILE A 377 -7.59 -2.98 -8.55
N ILE A 378 -8.02 -3.31 -7.33
CA ILE A 378 -9.26 -2.73 -6.83
C ILE A 378 -9.09 -1.25 -6.53
N ASN A 379 -7.93 -0.85 -6.00
CA ASN A 379 -7.62 0.57 -5.92
C ASN A 379 -7.79 1.26 -7.27
N ALA A 380 -7.26 0.65 -8.33
CA ALA A 380 -7.28 1.31 -9.64
C ALA A 380 -8.71 1.47 -10.16
N ARG A 381 -9.57 0.45 -9.97
CA ARG A 381 -10.95 0.56 -10.41
C ARG A 381 -11.69 1.66 -9.68
N ILE A 382 -11.60 1.65 -8.35
CA ILE A 382 -12.22 2.68 -7.54
C ILE A 382 -11.73 4.07 -7.94
N MET A 383 -10.41 4.23 -8.03
CA MET A 383 -9.82 5.52 -8.41
C MET A 383 -10.26 5.95 -9.80
N GLY A 384 -10.35 4.99 -10.73
CA GLY A 384 -10.61 5.32 -12.13
C GLY A 384 -12.09 5.45 -12.43
N ARG A 385 -12.92 4.66 -11.76
CA ARG A 385 -14.32 4.52 -12.16
C ARG A 385 -15.30 5.07 -11.14
N HIS A 386 -14.95 5.11 -9.85
CA HIS A 386 -15.82 5.66 -8.81
C HIS A 386 -15.44 7.08 -8.45
N LEU A 387 -14.24 7.31 -7.93
CA LEU A 387 -13.78 8.66 -7.66
C LEU A 387 -13.43 9.41 -8.95
N LYS A 388 -13.11 8.68 -10.02
CA LYS A 388 -12.68 9.27 -11.30
C LYS A 388 -11.62 10.36 -11.10
N VAL A 389 -10.56 10.00 -10.38
CA VAL A 389 -9.46 10.92 -10.11
C VAL A 389 -8.24 10.62 -10.97
N GLY A 390 -8.27 9.58 -11.79
CA GLY A 390 -7.14 9.31 -12.67
C GLY A 390 -7.57 8.50 -13.86
N VAL A 391 -6.65 8.32 -14.79
CA VAL A 391 -6.90 7.61 -16.05
C VAL A 391 -6.11 6.30 -16.02
N GLU A 392 -6.79 5.17 -16.26
CA GLU A 392 -6.12 3.89 -16.21
C GLU A 392 -5.56 3.54 -17.58
N VAL A 393 -4.37 2.93 -17.59
CA VAL A 393 -3.74 2.51 -18.84
C VAL A 393 -4.41 1.22 -19.31
N LYS A 394 -4.86 1.19 -20.56
CA LYS A 394 -5.51 -0.01 -21.11
C LYS A 394 -4.57 -1.22 -21.14
N LYS A 395 -5.08 -2.36 -20.67
CA LYS A 395 -4.40 -3.66 -20.68
C LYS A 395 -5.18 -4.66 -21.54
N GLY A 396 -4.48 -5.63 -22.12
CA GLY A 396 -5.17 -6.72 -22.79
C GLY A 396 -6.10 -7.48 -21.85
N GLU A 397 -7.28 -7.81 -22.37
CA GLU A 397 -8.32 -8.45 -21.54
C GLU A 397 -7.82 -9.76 -20.93
N GLU A 398 -7.22 -10.62 -21.74
CA GLU A 398 -6.74 -11.93 -21.33
C GLU A 398 -5.25 -11.93 -20.95
N ASP A 399 -4.38 -11.13 -21.60
CA ASP A 399 -2.95 -11.26 -21.30
C ASP A 399 -2.42 -10.25 -20.27
N GLY A 400 -3.16 -9.20 -19.94
CA GLY A 400 -2.71 -8.29 -18.89
C GLY A 400 -1.55 -7.37 -19.27
N LEU A 401 -1.28 -7.19 -20.55
CA LEU A 401 -0.13 -6.42 -21.02
C LEU A 401 -0.59 -5.10 -21.61
N PHE A 402 0.30 -4.11 -21.59
CA PHE A 402 0.01 -2.81 -22.21
C PHE A 402 0.99 -2.55 -23.37
N THR A 403 0.59 -1.63 -24.22
CA THR A 403 1.43 -1.13 -25.30
C THR A 403 2.04 0.20 -24.90
N LYS A 404 3.12 0.58 -25.57
CA LYS A 404 3.70 1.88 -25.32
C LYS A 404 2.72 2.96 -25.74
N GLU A 405 1.88 2.70 -26.74
CA GLU A 405 0.91 3.71 -27.16
C GLU A 405 -0.17 3.91 -26.10
N SER A 406 -0.51 2.87 -25.33
CA SER A 406 -1.51 3.07 -24.27
C SER A 406 -0.95 3.91 -23.12
N VAL A 407 0.32 3.70 -22.79
CA VAL A 407 1.01 4.54 -21.80
C VAL A 407 1.09 5.98 -22.28
N TYR A 408 1.58 6.17 -23.51
CA TYR A 408 1.65 7.50 -24.11
C TYR A 408 0.30 8.20 -24.07
N GLU A 409 -0.77 7.48 -24.44
CA GLU A 409 -2.10 8.06 -24.51
C GLU A 409 -2.57 8.55 -23.14
N ALA A 410 -2.37 7.75 -22.11
CA ALA A 410 -2.89 8.11 -20.79
C ALA A 410 -2.20 9.35 -20.26
N VAL A 411 -0.88 9.45 -20.46
CA VAL A 411 -0.15 10.61 -19.96
C VAL A 411 -0.54 11.86 -20.75
N LYS A 412 -0.66 11.71 -22.06
CA LYS A 412 -1.03 12.83 -22.92
C LYS A 412 -2.41 13.39 -22.56
N ILE A 413 -3.35 12.52 -22.20
CA ILE A 413 -4.71 12.96 -21.90
C ILE A 413 -4.72 13.83 -20.65
N VAL A 414 -3.96 13.44 -19.62
CA VAL A 414 -4.00 14.19 -18.37
C VAL A 414 -3.09 15.42 -18.39
N MET A 415 -2.10 15.45 -19.28
CA MET A 415 -1.20 16.60 -19.34
C MET A 415 -1.73 17.68 -20.28
N ASP A 416 -2.69 17.35 -21.14
CA ASP A 416 -3.27 18.30 -22.10
C ASP A 416 -4.29 19.19 -21.38
N ASP A 417 -3.93 20.46 -21.16
CA ASP A 417 -4.84 21.44 -20.55
C ASP A 417 -6.20 21.49 -21.24
N GLU A 418 -6.24 21.27 -22.56
CA GLU A 418 -7.48 21.41 -23.31
C GLU A 418 -8.26 20.11 -23.43
N ASN A 419 -7.77 19.01 -22.87
CA ASN A 419 -8.47 17.75 -22.95
C ASN A 419 -9.51 17.68 -21.84
N GLU A 420 -10.75 17.35 -22.21
CA GLU A 420 -11.85 17.43 -21.24
C GLU A 420 -11.80 16.31 -20.21
N ILE A 421 -11.24 15.16 -20.57
CA ILE A 421 -11.09 14.10 -19.59
C ILE A 421 -9.98 14.45 -18.60
N GLY A 422 -8.87 14.99 -19.11
CA GLY A 422 -7.84 15.52 -18.22
C GLY A 422 -8.37 16.57 -17.28
N ARG A 423 -9.28 17.43 -17.76
CA ARG A 423 -9.83 18.47 -16.91
C ARG A 423 -10.75 17.87 -15.86
N GLU A 424 -11.51 16.83 -16.25
CA GLU A 424 -12.44 16.20 -15.33
C GLU A 424 -11.72 15.46 -14.20
N VAL A 425 -10.66 14.70 -14.51
CA VAL A 425 -9.95 14.01 -13.43
C VAL A 425 -9.22 15.04 -12.55
N ARG A 426 -8.75 16.16 -13.11
CA ARG A 426 -8.14 17.18 -12.28
C ARG A 426 -9.14 17.71 -11.27
N SER A 427 -10.31 18.12 -11.75
CA SER A 427 -11.38 18.61 -10.89
C SER A 427 -11.79 17.57 -9.84
N ASN A 428 -11.87 16.29 -10.23
CA ASN A 428 -12.27 15.26 -9.26
C ASN A 428 -11.17 15.02 -8.23
N HIS A 429 -9.91 15.06 -8.67
CA HIS A 429 -8.79 14.94 -7.75
C HIS A 429 -8.77 16.11 -6.76
N THR A 430 -9.01 17.32 -7.24
CA THR A 430 -9.09 18.47 -6.32
C THR A 430 -10.19 18.29 -5.28
N LYS A 431 -11.34 17.75 -5.67
CA LYS A 431 -12.42 17.52 -4.71
C LYS A 431 -12.00 16.52 -3.65
N VAL A 432 -11.34 15.44 -4.05
CA VAL A 432 -10.90 14.44 -3.09
C VAL A 432 -9.78 14.98 -2.22
N ARG A 433 -8.82 15.70 -2.82
CA ARG A 433 -7.77 16.33 -2.02
C ARG A 433 -8.36 17.29 -0.99
N ASN A 434 -9.35 18.12 -1.40
CA ASN A 434 -9.91 19.09 -0.48
C ASN A 434 -10.62 18.42 0.70
N LEU A 435 -11.19 17.23 0.46
CA LEU A 435 -11.81 16.48 1.56
C LEU A 435 -10.75 15.86 2.48
N LEU A 436 -9.73 15.22 1.92
CA LEU A 436 -8.73 14.55 2.75
C LEU A 436 -7.95 15.55 3.62
N LEU A 437 -7.74 16.77 3.12
CA LEU A 437 -6.97 17.82 3.79
C LEU A 437 -7.87 18.81 4.55
N ARG A 438 -9.18 18.64 4.50
CA ARG A 438 -10.10 19.47 5.27
C ARG A 438 -9.63 19.59 6.71
N HIS A 439 -9.68 20.81 7.24
CA HIS A 439 -9.10 21.12 8.55
C HIS A 439 -9.58 20.18 9.65
N ASP A 440 -10.81 19.65 9.57
CA ASP A 440 -11.31 18.79 10.63
C ASP A 440 -11.51 17.32 10.23
N LEU A 441 -11.07 16.90 9.02
CA LEU A 441 -11.39 15.54 8.60
C LEU A 441 -10.57 14.50 9.37
N GLU A 442 -9.24 14.56 9.27
CA GLU A 442 -8.42 13.55 9.96
C GLU A 442 -8.58 13.64 11.48
N SER A 443 -8.66 14.86 12.02
CA SER A 443 -8.77 15.00 13.47
C SER A 443 -10.05 14.36 14.00
N SER A 444 -11.18 14.55 13.32
CA SER A 444 -12.40 13.96 13.82
C SER A 444 -12.48 12.45 13.53
N CYS A 445 -11.79 11.97 12.48
CA CYS A 445 -11.63 10.53 12.32
C CYS A 445 -10.91 9.92 13.51
N LEU A 446 -9.81 10.54 13.92
CA LEU A 446 -9.02 10.04 15.04
C LEU A 446 -9.75 10.20 16.36
N ASP A 447 -10.56 11.25 16.49
CA ASP A 447 -11.38 11.42 17.69
C ASP A 447 -12.28 10.22 17.90
N THR A 448 -13.03 9.85 16.86
CA THR A 448 -13.88 8.67 16.91
C THR A 448 -13.05 7.40 17.12
N PHE A 449 -11.93 7.29 16.37
CA PHE A 449 -11.02 6.15 16.46
C PHE A 449 -10.61 5.89 17.91
N CYS A 450 -10.12 6.93 18.59
CA CYS A 450 -9.61 6.79 19.94
C CYS A 450 -10.73 6.49 20.94
N GLU A 451 -11.89 7.15 20.79
CA GLU A 451 -13.06 6.78 21.59
C GLU A 451 -13.38 5.30 21.46
N LYS A 452 -13.36 4.76 20.23
CA LYS A 452 -13.75 3.37 20.04
C LYS A 452 -12.70 2.42 20.59
N LEU A 453 -11.42 2.80 20.56
CA LEU A 453 -10.38 2.00 21.20
C LEU A 453 -10.58 2.01 22.70
N GLN A 454 -10.87 3.18 23.27
CA GLN A 454 -11.17 3.29 24.69
C GLN A 454 -12.28 2.32 25.10
N GLU A 455 -13.37 2.31 24.34
CA GLU A 455 -14.43 1.32 24.57
C GLU A 455 -13.88 -0.10 24.53
N LEU A 456 -12.94 -0.38 23.62
CA LEU A 456 -12.48 -1.74 23.44
C LEU A 456 -11.74 -2.26 24.68
N VAL A 457 -10.99 -1.40 25.35
CA VAL A 457 -10.22 -1.84 26.52
C VAL A 457 -11.03 -1.65 27.80
N SER A 458 -12.30 -1.30 27.65
CA SER A 458 -13.19 -1.16 28.78
C SER A 458 -14.16 -2.34 28.88
#